data_8GOD
#
_entry.id   8GOD
#
_cell.length_a   111.456
_cell.length_b   60.879
_cell.length_c   127.097
_cell.angle_alpha   90.000
_cell.angle_beta   104.585
_cell.angle_gamma   90.000
#
_symmetry.space_group_name_H-M   'I 1 2 1'
#
loop_
_entity.id
_entity.type
_entity.pdbx_description
1 polymer 'Protein-arginine deiminase type-4'
2 non-polymer [(3~{R})-3-azanylpiperidin-1-yl]-[2-[1-[(4-fluorophenyl)methyl]indol-2-yl]-3-methyl-imidazo[1,2-a]pyridin-7-yl]methanone
3 water water
#
_entity_poly.entity_id   1
_entity_poly.type   'polypeptide(L)'
_entity_poly.pdbx_seq_one_letter_code
;MGSSHHHHHHSSGLVPRGSHMENLYFQGMAQGTLIRVTPEQPTHAVCVLGTLTQLDICSSAPEDCTSFSINASPGVVVDI
AHGPPAKKKSTGSSTWPLDPGVEVTLTMKVASGSTGDQKVQISYYGPKTPPVKALLYLTGVEISLCADITRTGKVKPTRA
VKDQRTWTWGPCGQGAILLVNCDRDNLESSAMDCEDDEVLDSEDLQDMSLMTLSTKTPKDFFTNHTLVLHVARSEMDKVR
VFQATRGKLSSKCSVVLGPKWPSHYLMVPGGKHNMDFYVEALAFPDTDFPGLITLTISLLDTSNLELPEAVVFQDSVVFR
VAPWIMTPNTQPPQEVYACSIFENEDFLKSVTTLAMKAKCKLTICPEEENMDDQWMQDEMEIGYIQAPHKTLPVVFDSPR
NRGLKEFPIKRVMGPDFGYVTRGPQTGGISGLDSFGNLEVSPPVTVRGKEYPLGRILFGDSCYPSNDSRQMHQALQDFLS
AQQVQAPVKLYSDWLSVGHVDEFLSFVPAPDRKGFRLLLASPRSCYKLFQEQQNEGHGEALLFEGIKKKKQQKIKNILSN
KTLREHNSFVERCIDWNRELLKRELGLAESDIIDIPQLFKLKEFSKAEAFFPNMVNMLVLGKHLGIPKPFGPVINGRCCL
EEKVCSLLEPLGLQCTFINDFFTYHIRHGEVHCGTNVRRKPFSFKWWNMVP
;
_entity_poly.pdbx_strand_id   A
#
# COMPACT_ATOMS: atom_id res chain seq x y z
N THR A 33 -8.77 -35.82 11.65
CA THR A 33 -10.12 -35.19 11.95
C THR A 33 -11.24 -36.03 11.31
N LEU A 34 -11.00 -37.30 10.98
CA LEU A 34 -12.05 -38.34 10.89
C LEU A 34 -11.86 -39.26 12.10
N ILE A 35 -12.97 -39.67 12.73
CA ILE A 35 -13.00 -40.49 13.97
C ILE A 35 -13.44 -41.90 13.56
N ARG A 36 -12.69 -42.92 13.95
CA ARG A 36 -13.06 -44.33 13.67
C ARG A 36 -13.53 -44.96 14.98
N VAL A 37 -14.72 -45.53 14.94
CA VAL A 37 -15.36 -46.20 16.11
C VAL A 37 -15.24 -47.71 15.90
N THR A 38 -14.82 -48.43 16.94
CA THR A 38 -14.80 -49.91 17.02
C THR A 38 -15.82 -50.35 18.06
N PRO A 39 -16.65 -51.37 17.77
CA PRO A 39 -17.47 -51.98 18.81
C PRO A 39 -16.59 -52.72 19.83
N GLU A 40 -15.30 -52.94 19.51
CA GLU A 40 -14.30 -53.56 20.42
C GLU A 40 -14.16 -52.70 21.68
N GLN A 41 -13.47 -51.56 21.57
CA GLN A 41 -13.26 -50.60 22.68
C GLN A 41 -14.10 -49.36 22.47
N PRO A 42 -14.25 -48.50 23.50
CA PRO A 42 -14.79 -47.16 23.33
C PRO A 42 -13.64 -46.27 22.82
N THR A 43 -13.90 -45.42 21.82
CA THR A 43 -12.92 -44.43 21.30
C THR A 43 -13.24 -43.07 21.90
N HIS A 44 -12.22 -42.32 22.31
CA HIS A 44 -12.30 -40.92 22.82
C HIS A 44 -11.73 -39.96 21.78
N ALA A 45 -12.41 -38.84 21.51
CA ALA A 45 -11.96 -37.81 20.53
C ALA A 45 -12.19 -36.42 21.11
N VAL A 46 -11.38 -35.45 20.69
CA VAL A 46 -11.56 -33.99 20.91
C VAL A 46 -12.29 -33.43 19.71
N CYS A 47 -13.01 -32.31 19.85
CA CYS A 47 -13.77 -31.70 18.72
C CYS A 47 -13.83 -30.19 18.90
N VAL A 48 -13.15 -29.48 18.00
CA VAL A 48 -13.15 -28.00 18.01
C VAL A 48 -14.50 -27.55 17.44
N LEU A 49 -15.14 -26.60 18.12
CA LEU A 49 -16.44 -26.06 17.64
C LEU A 49 -16.13 -25.47 16.27
N GLY A 50 -17.07 -25.63 15.32
CA GLY A 50 -16.98 -25.17 13.93
C GLY A 50 -16.19 -26.11 13.02
N THR A 51 -16.02 -27.39 13.35
CA THR A 51 -15.29 -28.34 12.47
C THR A 51 -16.19 -29.53 12.12
N LEU A 52 -16.64 -29.62 10.86
CA LEU A 52 -17.27 -30.86 10.32
C LEU A 52 -16.29 -32.00 10.66
N THR A 53 -16.73 -32.98 11.46
CA THR A 53 -15.96 -34.20 11.80
C THR A 53 -16.66 -35.41 11.20
N GLN A 54 -15.94 -36.21 10.39
CA GLN A 54 -16.49 -37.43 9.71
C GLN A 54 -16.36 -38.61 10.68
N LEU A 55 -17.30 -39.54 10.66
CA LEU A 55 -17.29 -40.76 11.49
C LEU A 55 -17.07 -41.97 10.59
N ASP A 56 -15.96 -42.68 10.75
CA ASP A 56 -15.79 -44.00 10.07
C ASP A 56 -16.66 -44.96 10.85
N ILE A 57 -17.84 -45.21 10.34
CA ILE A 57 -18.85 -46.07 11.01
C ILE A 57 -18.68 -47.51 10.50
N CYS A 58 -17.86 -47.72 9.46
CA CYS A 58 -17.89 -48.94 8.61
C CYS A 58 -16.64 -49.81 8.79
N SER A 59 -15.43 -49.22 8.80
CA SER A 59 -14.14 -49.96 8.74
C SER A 59 -14.12 -51.11 9.77
N SER A 60 -14.57 -50.89 11.00
CA SER A 60 -14.49 -51.87 12.10
C SER A 60 -15.89 -52.40 12.46
N ALA A 61 -16.82 -52.41 11.50
CA ALA A 61 -18.21 -52.87 11.70
C ALA A 61 -18.26 -54.40 11.74
N PRO A 62 -19.30 -55.01 12.33
CA PRO A 62 -19.59 -56.44 12.14
C PRO A 62 -20.38 -56.67 10.84
N GLU A 63 -20.07 -57.77 10.13
CA GLU A 63 -20.68 -58.16 8.82
C GLU A 63 -21.85 -59.12 9.08
N ASP A 64 -21.98 -59.63 10.31
CA ASP A 64 -23.21 -60.31 10.81
C ASP A 64 -24.38 -59.33 10.70
N CYS A 65 -24.15 -58.05 11.04
CA CYS A 65 -25.12 -56.92 10.96
C CYS A 65 -25.11 -56.28 9.56
N THR A 66 -26.27 -55.81 9.10
CA THR A 66 -26.52 -55.20 7.76
C THR A 66 -26.66 -53.67 7.87
N SER A 67 -27.29 -53.19 8.94
CA SER A 67 -27.67 -51.76 9.14
C SER A 67 -27.24 -51.27 10.52
N PHE A 68 -27.33 -49.95 10.73
CA PHE A 68 -26.96 -49.25 11.98
C PHE A 68 -27.87 -48.05 12.21
N SER A 69 -27.85 -47.50 13.43
CA SER A 69 -28.51 -46.23 13.82
C SER A 69 -27.59 -45.49 14.79
N ILE A 70 -27.84 -44.21 15.03
CA ILE A 70 -26.91 -43.27 15.73
C ILE A 70 -27.68 -42.46 16.77
N ASN A 71 -27.63 -42.86 18.04
CA ASN A 71 -28.12 -42.03 19.16
C ASN A 71 -26.91 -41.30 19.76
N ALA A 72 -27.10 -40.05 20.21
CA ALA A 72 -26.05 -39.16 20.73
C ALA A 72 -26.61 -38.29 21.85
N SER A 73 -25.75 -37.76 22.72
CA SER A 73 -26.14 -36.90 23.88
C SER A 73 -26.55 -35.51 23.35
N PRO A 74 -27.46 -34.82 24.07
CA PRO A 74 -28.17 -33.65 23.54
C PRO A 74 -27.30 -32.57 22.86
N GLY A 75 -26.06 -32.41 23.33
CA GLY A 75 -25.16 -31.32 22.92
C GLY A 75 -24.45 -31.60 21.61
N VAL A 76 -24.46 -32.85 21.13
CA VAL A 76 -23.87 -33.26 19.81
C VAL A 76 -24.97 -33.24 18.73
N VAL A 77 -24.59 -32.95 17.50
CA VAL A 77 -25.52 -32.89 16.34
C VAL A 77 -24.92 -33.69 15.19
N VAL A 78 -25.38 -34.95 15.08
CA VAL A 78 -25.12 -35.89 13.95
C VAL A 78 -25.84 -35.36 12.72
N ASP A 79 -25.20 -35.45 11.55
CA ASP A 79 -25.89 -35.26 10.24
C ASP A 79 -25.48 -36.39 9.31
N ILE A 80 -26.40 -37.31 9.10
CA ILE A 80 -26.26 -38.45 8.15
C ILE A 80 -26.70 -37.97 6.76
N ALA A 81 -25.76 -37.90 5.82
CA ALA A 81 -26.00 -37.66 4.38
C ALA A 81 -25.78 -38.98 3.63
N HIS A 82 -26.71 -39.37 2.76
CA HIS A 82 -26.63 -40.58 1.89
C HIS A 82 -26.71 -40.13 0.42
N SER A 93 -36.90 -41.67 15.46
CA SER A 93 -35.45 -41.77 15.75
C SER A 93 -34.67 -41.77 14.44
N SER A 94 -34.55 -42.95 13.79
CA SER A 94 -33.94 -43.16 12.45
C SER A 94 -33.41 -44.60 12.31
N THR A 95 -33.04 -44.96 11.07
CA THR A 95 -32.43 -46.24 10.63
C THR A 95 -31.62 -45.95 9.36
N TRP A 96 -30.50 -46.65 9.13
CA TRP A 96 -29.64 -46.45 7.92
C TRP A 96 -28.94 -47.75 7.55
N PRO A 97 -28.63 -47.96 6.26
CA PRO A 97 -27.83 -49.11 5.82
C PRO A 97 -26.32 -48.86 6.03
N LEU A 98 -25.56 -49.94 6.26
CA LEU A 98 -24.11 -49.88 6.61
C LEU A 98 -23.26 -49.53 5.39
N ASP A 99 -23.90 -49.33 4.24
CA ASP A 99 -23.27 -48.79 3.00
C ASP A 99 -22.11 -47.86 3.35
N PRO A 100 -20.86 -48.25 3.04
CA PRO A 100 -19.69 -47.35 3.15
C PRO A 100 -19.82 -45.99 2.44
N GLY A 101 -20.83 -45.82 1.58
CA GLY A 101 -21.11 -44.60 0.82
C GLY A 101 -21.77 -43.53 1.69
N VAL A 102 -22.56 -43.95 2.68
CA VAL A 102 -23.19 -43.05 3.71
C VAL A 102 -22.07 -42.23 4.39
N GLU A 103 -22.43 -41.08 4.97
CA GLU A 103 -21.48 -39.99 5.36
C GLU A 103 -22.00 -39.31 6.63
N VAL A 104 -21.73 -39.91 7.80
CA VAL A 104 -22.14 -39.39 9.14
C VAL A 104 -21.16 -38.29 9.54
N THR A 105 -21.68 -37.13 9.95
CA THR A 105 -20.86 -35.97 10.35
C THR A 105 -21.26 -35.48 11.75
N LEU A 106 -20.26 -35.06 12.53
CA LEU A 106 -20.45 -34.64 13.95
C LEU A 106 -20.23 -33.13 14.06
N THR A 107 -21.13 -32.48 14.80
CA THR A 107 -21.12 -31.06 15.19
C THR A 107 -21.24 -31.04 16.72
N MET A 108 -20.50 -30.18 17.42
CA MET A 108 -20.75 -29.93 18.86
C MET A 108 -21.28 -28.50 19.04
N LYS A 109 -22.24 -28.31 19.93
CA LYS A 109 -22.95 -27.01 20.12
C LYS A 109 -22.08 -26.13 21.01
N VAL A 110 -21.98 -26.49 22.30
CA VAL A 110 -21.18 -25.80 23.35
C VAL A 110 -19.95 -26.65 23.65
N ALA A 111 -18.84 -26.02 24.04
CA ALA A 111 -17.63 -26.67 24.58
C ALA A 111 -17.99 -27.49 25.82
N SER A 112 -17.23 -28.53 26.09
CA SER A 112 -17.40 -29.40 27.27
C SER A 112 -16.92 -28.65 28.51
N GLY A 113 -17.46 -29.00 29.69
CA GLY A 113 -16.90 -28.64 31.01
C GLY A 113 -16.07 -29.79 31.58
N SER A 114 -16.18 -30.98 30.99
CA SER A 114 -15.57 -32.25 31.48
C SER A 114 -15.14 -33.11 30.29
N THR A 115 -13.96 -33.73 30.39
CA THR A 115 -13.39 -34.69 29.42
C THR A 115 -14.42 -35.80 29.13
N GLY A 116 -15.04 -35.79 27.96
CA GLY A 116 -15.91 -36.88 27.46
C GLY A 116 -17.35 -36.74 27.92
N ASP A 117 -17.79 -35.51 28.20
CA ASP A 117 -19.13 -35.26 28.81
C ASP A 117 -20.21 -35.35 27.73
N GLN A 118 -19.81 -35.57 26.47
CA GLN A 118 -20.75 -35.85 25.37
C GLN A 118 -20.43 -37.23 24.79
N LYS A 119 -21.45 -37.94 24.34
CA LYS A 119 -21.41 -39.39 24.06
C LYS A 119 -22.08 -39.63 22.72
N VAL A 120 -21.49 -40.47 21.88
CA VAL A 120 -22.18 -40.96 20.64
C VAL A 120 -22.13 -42.49 20.68
N GLN A 121 -23.28 -43.12 20.44
CA GLN A 121 -23.50 -44.59 20.43
C GLN A 121 -23.89 -45.00 19.01
N ILE A 122 -23.17 -45.98 18.44
CA ILE A 122 -23.52 -46.61 17.12
C ILE A 122 -24.02 -48.01 17.41
N SER A 123 -25.31 -48.22 17.18
CA SER A 123 -25.97 -49.55 17.15
C SER A 123 -25.77 -50.15 15.75
N TYR A 124 -25.23 -51.37 15.66
CA TYR A 124 -25.17 -52.20 14.44
C TYR A 124 -26.16 -53.38 14.60
N TYR A 125 -27.35 -53.31 13.98
CA TYR A 125 -28.42 -54.34 14.03
C TYR A 125 -28.58 -54.96 12.63
N GLY A 126 -29.36 -56.05 12.54
CA GLY A 126 -29.53 -56.84 11.30
C GLY A 126 -30.57 -57.94 11.44
N PRO A 127 -30.81 -58.70 10.35
CA PRO A 127 -31.97 -59.59 10.24
C PRO A 127 -32.36 -60.41 11.47
N LYS A 128 -31.36 -60.93 12.21
CA LYS A 128 -31.58 -61.71 13.46
C LYS A 128 -30.29 -61.72 14.28
N THR A 129 -29.62 -60.57 14.38
CA THR A 129 -28.28 -60.41 15.00
C THR A 129 -28.30 -59.21 15.95
N PRO A 130 -28.74 -59.40 17.22
CA PRO A 130 -29.07 -58.29 18.14
C PRO A 130 -28.14 -57.09 18.15
N PRO A 131 -28.64 -55.87 18.46
CA PRO A 131 -27.82 -54.65 18.35
C PRO A 131 -26.51 -54.74 19.13
N VAL A 132 -25.38 -54.65 18.42
CA VAL A 132 -24.02 -54.42 18.97
C VAL A 132 -23.81 -52.91 19.07
N LYS A 133 -23.26 -52.42 20.17
CA LYS A 133 -23.02 -50.97 20.40
C LYS A 133 -21.53 -50.68 20.18
N ALA A 134 -21.22 -49.43 19.81
CA ALA A 134 -19.85 -48.90 19.63
C ALA A 134 -19.85 -47.46 20.15
N LEU A 135 -19.10 -47.21 21.22
CA LEU A 135 -19.24 -45.99 22.04
C LEU A 135 -18.18 -44.98 21.61
N LEU A 136 -18.55 -43.70 21.55
CA LEU A 136 -17.63 -42.59 21.22
C LEU A 136 -17.80 -41.51 22.29
N TYR A 137 -16.74 -41.22 23.05
CA TYR A 137 -16.70 -40.18 24.11
C TYR A 137 -16.02 -38.91 23.55
N LEU A 138 -16.82 -37.87 23.29
CA LEU A 138 -16.38 -36.60 22.66
C LEU A 138 -16.14 -35.54 23.74
N THR A 139 -15.03 -34.83 23.62
CA THR A 139 -14.69 -33.63 24.41
C THR A 139 -14.66 -32.44 23.45
N GLY A 140 -15.66 -31.57 23.54
CA GLY A 140 -15.74 -30.36 22.70
C GLY A 140 -14.92 -29.24 23.29
N VAL A 141 -14.20 -28.48 22.46
CA VAL A 141 -13.43 -27.29 22.87
C VAL A 141 -13.57 -26.24 21.78
N GLU A 142 -13.63 -24.98 22.19
CA GLU A 142 -13.53 -23.78 21.32
C GLU A 142 -12.05 -23.37 21.26
N ILE A 143 -11.43 -23.42 20.07
CA ILE A 143 -10.14 -22.74 19.73
C ILE A 143 -10.43 -21.76 18.59
N SER A 144 -10.66 -20.49 18.86
CA SER A 144 -10.85 -19.47 17.79
C SER A 144 -9.75 -18.40 17.87
N LEU A 145 -9.00 -18.28 16.78
CA LEU A 145 -7.94 -17.25 16.59
C LEU A 145 -8.47 -16.16 15.66
N CYS A 146 -8.49 -14.90 16.11
CA CYS A 146 -9.14 -13.79 15.36
C CYS A 146 -8.25 -12.54 15.30
N ALA A 147 -8.33 -11.84 14.17
CA ALA A 147 -7.80 -10.49 13.95
C ALA A 147 -8.91 -9.70 13.25
N ASP A 148 -8.59 -8.56 12.65
CA ASP A 148 -9.58 -7.61 12.06
C ASP A 148 -9.78 -7.93 10.58
N ILE A 149 -10.18 -9.15 10.24
CA ILE A 149 -10.32 -9.65 8.83
C ILE A 149 -11.41 -8.87 8.07
N THR A 150 -12.38 -8.29 8.79
CA THR A 150 -13.51 -7.49 8.25
C THR A 150 -13.02 -6.11 7.78
N ARG A 151 -11.91 -5.62 8.37
CA ARG A 151 -11.28 -4.31 8.09
C ARG A 151 -12.17 -3.17 8.62
N THR A 152 -12.39 -3.16 9.94
CA THR A 152 -13.36 -2.26 10.62
C THR A 152 -12.87 -1.80 12.00
N GLY A 153 -11.61 -2.06 12.36
CA GLY A 153 -11.02 -1.68 13.67
C GLY A 153 -11.71 -2.36 14.85
N LYS A 154 -12.38 -3.50 14.59
CA LYS A 154 -12.96 -4.41 15.61
C LYS A 154 -12.62 -5.83 15.18
N VAL A 155 -12.38 -6.72 16.15
CA VAL A 155 -11.89 -8.11 15.89
C VAL A 155 -13.09 -9.08 15.80
N LYS A 156 -13.24 -9.74 14.64
CA LYS A 156 -14.28 -10.78 14.34
C LYS A 156 -13.61 -12.16 14.25
N ASP A 163 -15.89 -16.99 4.21
CA ASP A 163 -14.46 -16.59 4.39
C ASP A 163 -13.58 -17.84 4.20
N GLN A 164 -12.26 -17.70 4.40
CA GLN A 164 -11.23 -18.77 4.23
C GLN A 164 -9.93 -18.36 4.93
N ARG A 165 -8.84 -19.09 4.68
CA ARG A 165 -7.43 -18.68 4.96
C ARG A 165 -6.82 -18.19 3.64
N THR A 166 -7.43 -17.16 3.06
CA THR A 166 -6.94 -16.41 1.85
C THR A 166 -7.38 -14.94 2.00
N TRP A 167 -6.47 -14.05 1.60
CA TRP A 167 -6.61 -12.57 1.65
C TRP A 167 -7.30 -12.09 0.37
N THR A 168 -8.40 -11.35 0.46
CA THR A 168 -9.13 -10.92 -0.76
C THR A 168 -9.18 -9.39 -0.83
N TRP A 169 -8.98 -8.85 -2.03
CA TRP A 169 -9.02 -7.39 -2.27
C TRP A 169 -10.48 -6.96 -2.35
N GLY A 170 -10.77 -5.72 -2.02
CA GLY A 170 -12.04 -5.08 -2.40
C GLY A 170 -13.00 -4.87 -1.24
N PRO A 171 -14.22 -4.39 -1.57
CA PRO A 171 -15.17 -3.92 -0.57
C PRO A 171 -15.81 -5.07 0.21
N CYS A 172 -15.72 -6.31 -0.29
CA CYS A 172 -16.33 -7.52 0.35
C CYS A 172 -15.29 -8.64 0.49
N GLY A 173 -13.99 -8.33 0.40
CA GLY A 173 -12.91 -9.30 0.67
C GLY A 173 -12.67 -9.38 2.17
N GLN A 174 -11.92 -10.40 2.61
CA GLN A 174 -11.49 -10.57 4.03
C GLN A 174 -9.95 -10.59 4.11
N GLY A 175 -9.41 -10.05 5.19
CA GLY A 175 -7.96 -10.03 5.43
C GLY A 175 -7.53 -8.89 6.35
N ALA A 176 -6.97 -9.23 7.50
CA ALA A 176 -6.42 -8.24 8.45
C ALA A 176 -5.22 -7.56 7.79
N ILE A 177 -5.04 -6.29 8.12
CA ILE A 177 -3.88 -5.50 7.61
C ILE A 177 -2.87 -5.33 8.75
N LEU A 178 -1.60 -5.33 8.37
CA LEU A 178 -0.41 -5.17 9.25
C LEU A 178 0.36 -3.93 8.73
N LEU A 179 0.65 -2.97 9.59
CA LEU A 179 1.52 -1.80 9.26
C LEU A 179 2.99 -2.17 9.53
N VAL A 180 3.90 -1.60 8.76
CA VAL A 180 5.36 -1.80 8.97
C VAL A 180 5.81 -0.92 10.12
N ASN A 181 6.37 -1.54 11.16
CA ASN A 181 7.18 -0.84 12.18
C ASN A 181 8.31 -0.10 11.45
N CYS A 182 8.17 1.22 11.29
CA CYS A 182 9.16 2.13 10.64
C CYS A 182 9.94 2.90 11.72
N ASP A 183 10.53 2.19 12.70
CA ASP A 183 11.40 2.72 13.79
C ASP A 183 10.85 4.05 14.32
N ASP A 201 4.71 0.63 25.49
CA ASP A 201 3.46 -0.17 25.45
C ASP A 201 2.26 0.79 25.46
N SER A 202 1.04 0.23 25.39
CA SER A 202 -0.26 0.95 25.50
C SER A 202 -0.16 2.34 24.82
N GLU A 203 0.52 2.39 23.67
CA GLU A 203 0.85 3.64 22.90
C GLU A 203 1.72 3.26 21.69
N ASP A 204 2.68 2.33 21.90
CA ASP A 204 3.43 1.59 20.85
C ASP A 204 2.47 0.59 20.20
N LEU A 205 1.67 -0.10 21.02
CA LEU A 205 0.65 -1.09 20.60
C LEU A 205 -0.50 -0.43 19.80
N GLN A 206 -0.58 0.91 19.79
CA GLN A 206 -1.64 1.66 19.07
C GLN A 206 -1.37 1.61 17.56
N ASP A 207 -0.15 1.25 17.16
CA ASP A 207 0.23 1.06 15.74
C ASP A 207 0.10 -0.41 15.35
N MET A 208 0.29 -1.33 16.29
CA MET A 208 0.34 -2.79 16.04
C MET A 208 -1.09 -3.32 15.91
N SER A 209 -1.27 -4.44 15.24
CA SER A 209 -2.61 -5.02 14.99
C SER A 209 -2.90 -6.09 16.06
N LEU A 210 -4.14 -6.09 16.54
CA LEU A 210 -4.61 -6.99 17.60
C LEU A 210 -4.98 -8.34 16.99
N MET A 211 -4.61 -9.41 17.68
CA MET A 211 -5.02 -10.81 17.35
C MET A 211 -5.19 -11.56 18.67
N THR A 212 -6.36 -12.18 18.85
CA THR A 212 -6.79 -12.79 20.13
C THR A 212 -7.07 -14.28 19.92
N LEU A 213 -6.67 -15.11 20.88
CA LEU A 213 -6.95 -16.56 20.92
C LEU A 213 -7.97 -16.82 22.03
N SER A 214 -9.24 -16.91 21.68
CA SER A 214 -10.33 -17.21 22.65
C SER A 214 -10.52 -18.73 22.69
N THR A 215 -10.43 -19.34 23.88
CA THR A 215 -10.53 -20.80 24.08
C THR A 215 -11.47 -21.08 25.26
N LYS A 216 -12.47 -21.95 25.06
CA LYS A 216 -13.27 -22.57 26.16
C LYS A 216 -12.98 -24.07 26.14
N THR A 217 -12.58 -24.63 27.27
CA THR A 217 -12.18 -26.07 27.40
C THR A 217 -12.40 -26.55 28.83
N PRO A 218 -12.44 -27.88 29.08
CA PRO A 218 -12.38 -28.39 30.45
C PRO A 218 -11.16 -27.85 31.22
N LYS A 219 -11.30 -27.67 32.55
CA LYS A 219 -10.20 -27.33 33.50
C LYS A 219 -8.97 -28.21 33.20
N ASP A 220 -9.23 -29.48 32.88
CA ASP A 220 -8.24 -30.57 32.75
C ASP A 220 -7.55 -30.50 31.38
N PHE A 221 -8.01 -29.65 30.45
CA PHE A 221 -7.84 -29.93 29.00
C PHE A 221 -6.37 -29.94 28.58
N PHE A 222 -5.55 -28.98 29.05
CA PHE A 222 -4.16 -28.75 28.56
C PHE A 222 -3.16 -29.58 29.36
N THR A 223 -3.66 -30.53 30.14
CA THR A 223 -2.89 -31.60 30.81
C THR A 223 -2.24 -32.50 29.74
N ASN A 224 -2.95 -32.78 28.65
CA ASN A 224 -2.49 -33.71 27.57
C ASN A 224 -2.75 -33.10 26.18
N HIS A 225 -3.19 -31.85 26.10
CA HIS A 225 -3.20 -31.05 24.84
C HIS A 225 -2.30 -29.84 25.04
N THR A 226 -1.86 -29.22 23.95
CA THR A 226 -0.99 -28.01 23.99
C THR A 226 -1.09 -27.26 22.67
N LEU A 227 -1.27 -25.94 22.74
CA LEU A 227 -1.31 -25.03 21.56
C LEU A 227 0.11 -24.56 21.23
N VAL A 228 0.36 -24.26 19.96
CA VAL A 228 1.62 -23.62 19.49
C VAL A 228 1.26 -22.66 18.37
N LEU A 229 1.70 -21.41 18.50
CA LEU A 229 1.58 -20.38 17.43
C LEU A 229 2.85 -20.46 16.59
N HIS A 230 2.76 -20.31 15.28
CA HIS A 230 3.94 -20.47 14.41
C HIS A 230 3.75 -19.72 13.10
N VAL A 231 4.86 -19.34 12.49
CA VAL A 231 4.95 -18.59 11.21
C VAL A 231 5.98 -19.29 10.30
N ALA A 232 5.69 -19.42 9.01
CA ALA A 232 6.56 -20.07 8.01
C ALA A 232 7.97 -19.51 8.16
N ARG A 233 8.98 -20.36 8.24
CA ARG A 233 10.40 -19.89 8.38
C ARG A 233 10.68 -18.87 7.26
N SER A 234 9.87 -18.89 6.19
CA SER A 234 9.97 -17.98 5.04
C SER A 234 9.39 -16.59 5.37
N GLU A 235 8.63 -16.44 6.44
CA GLU A 235 7.93 -15.15 6.75
C GLU A 235 8.28 -14.67 8.16
N MET A 236 9.04 -15.44 8.92
CA MET A 236 9.36 -15.12 10.34
C MET A 236 10.16 -13.82 10.43
N ASP A 237 11.02 -13.55 9.45
CA ASP A 237 11.94 -12.37 9.48
C ASP A 237 11.18 -11.11 9.04
N LYS A 238 9.92 -11.25 8.61
CA LYS A 238 9.08 -10.14 8.11
C LYS A 238 7.93 -9.86 9.09
N VAL A 239 7.93 -10.47 10.27
CA VAL A 239 6.86 -10.23 11.26
C VAL A 239 7.47 -10.31 12.65
N ARG A 240 6.90 -9.58 13.61
CA ARG A 240 7.13 -9.75 15.07
C ARG A 240 5.77 -9.75 15.76
N VAL A 241 5.57 -10.71 16.68
CA VAL A 241 4.32 -11.00 17.44
C VAL A 241 4.65 -10.89 18.93
N PHE A 242 3.95 -10.02 19.65
CA PHE A 242 4.01 -9.89 21.13
C PHE A 242 2.73 -10.45 21.79
N GLN A 243 2.92 -11.14 22.92
CA GLN A 243 1.85 -11.67 23.80
C GLN A 243 1.66 -10.69 24.95
N ALA A 244 0.47 -10.09 25.07
CA ALA A 244 0.09 -9.15 26.15
C ALA A 244 -0.07 -9.91 27.46
N THR A 245 0.03 -9.21 28.61
CA THR A 245 -0.07 -9.79 29.98
C THR A 245 -0.55 -8.73 30.98
N ARG A 246 -1.80 -8.28 30.88
CA ARG A 246 -2.45 -7.25 31.75
C ARG A 246 -1.87 -5.86 31.42
N LYS A 252 2.37 -4.30 29.07
CA LYS A 252 2.94 -5.59 29.57
C LYS A 252 2.95 -6.60 28.41
N CYS A 253 4.12 -6.84 27.79
CA CYS A 253 4.24 -7.63 26.55
C CYS A 253 5.60 -8.34 26.47
N SER A 254 5.74 -9.25 25.49
CA SER A 254 6.93 -10.11 25.28
C SER A 254 6.85 -10.77 23.89
N VAL A 255 7.99 -11.06 23.28
CA VAL A 255 8.10 -11.57 21.88
C VAL A 255 7.87 -13.09 21.90
N VAL A 256 6.81 -13.53 21.23
CA VAL A 256 6.47 -14.97 21.01
C VAL A 256 7.04 -15.41 19.64
N LEU A 257 6.75 -14.69 18.57
CA LEU A 257 7.18 -15.04 17.18
C LEU A 257 7.90 -13.85 16.57
N GLY A 258 8.92 -14.15 15.75
CA GLY A 258 9.64 -13.18 14.91
C GLY A 258 10.88 -13.83 14.29
N PRO A 259 11.87 -13.05 13.82
CA PRO A 259 13.08 -13.63 13.22
C PRO A 259 13.71 -14.51 14.30
N LYS A 260 14.27 -15.66 13.90
CA LYS A 260 14.98 -16.62 14.79
C LYS A 260 13.99 -17.44 15.66
N TRP A 261 12.70 -17.06 15.76
CA TRP A 261 11.63 -17.84 16.45
C TRP A 261 10.41 -17.98 15.54
N PRO A 262 10.27 -19.09 14.78
CA PRO A 262 9.09 -19.36 13.96
C PRO A 262 7.89 -20.02 14.65
N SER A 263 8.08 -20.65 15.81
CA SER A 263 7.03 -21.36 16.58
C SER A 263 7.10 -20.96 18.05
N HIS A 264 5.99 -21.04 18.76
CA HIS A 264 5.95 -20.82 20.23
C HIS A 264 4.88 -21.71 20.85
N TYR A 265 5.24 -22.42 21.92
CA TYR A 265 4.29 -23.14 22.81
C TYR A 265 3.62 -22.08 23.65
N LEU A 266 2.29 -22.06 23.71
CA LEU A 266 1.50 -21.12 24.54
C LEU A 266 1.24 -21.75 25.91
N MET A 267 1.36 -20.95 26.99
CA MET A 267 0.85 -21.31 28.32
C MET A 267 -0.61 -20.89 28.33
N VAL A 268 -1.53 -21.84 28.21
CA VAL A 268 -3.01 -21.60 28.22
C VAL A 268 -3.64 -22.44 29.32
N PRO A 269 -4.50 -21.83 30.16
CA PRO A 269 -5.28 -22.58 31.15
C PRO A 269 -6.62 -23.09 30.62
N GLY A 270 -7.14 -24.14 31.28
CA GLY A 270 -8.50 -24.69 31.05
C GLY A 270 -9.58 -23.65 31.32
N GLY A 271 -10.80 -23.93 30.86
CA GLY A 271 -11.94 -23.00 30.95
C GLY A 271 -11.92 -21.98 29.83
N LYS A 272 -12.71 -20.89 30.00
CA LYS A 272 -12.77 -19.70 29.11
C LYS A 272 -11.57 -18.82 29.45
N HIS A 273 -10.55 -18.84 28.56
CA HIS A 273 -9.39 -17.92 28.58
C HIS A 273 -9.22 -17.30 27.20
N ASN A 274 -9.25 -15.97 27.11
CA ASN A 274 -8.84 -15.26 25.86
C ASN A 274 -7.52 -14.55 26.11
N MET A 275 -6.71 -14.46 25.05
CA MET A 275 -5.27 -14.12 25.06
C MET A 275 -5.04 -13.10 23.94
N ASP A 276 -4.44 -11.96 24.26
CA ASP A 276 -4.20 -10.83 23.32
C ASP A 276 -2.76 -10.92 22.80
N PHE A 277 -2.58 -10.89 21.49
CA PHE A 277 -1.27 -10.74 20.81
C PHE A 277 -1.28 -9.47 19.97
N TYR A 278 -0.12 -8.81 19.92
CA TYR A 278 0.09 -7.56 19.12
C TYR A 278 1.11 -7.89 18.05
N VAL A 279 0.84 -7.51 16.80
CA VAL A 279 1.60 -7.92 15.60
C VAL A 279 2.05 -6.67 14.83
N GLU A 280 3.33 -6.58 14.51
CA GLU A 280 3.90 -5.57 13.59
C GLU A 280 4.59 -6.32 12.44
N ALA A 281 4.56 -5.73 11.24
CA ALA A 281 5.38 -6.15 10.07
C ALA A 281 6.74 -5.44 10.15
N LEU A 282 7.78 -6.04 9.59
CA LEU A 282 9.18 -5.53 9.70
C LEU A 282 9.71 -5.13 8.31
N ALA A 283 9.02 -5.56 7.26
CA ALA A 283 9.43 -5.34 5.87
C ALA A 283 8.19 -4.98 5.04
N PHE A 284 8.33 -3.96 4.20
CA PHE A 284 7.33 -3.59 3.16
C PHE A 284 7.28 -4.72 2.15
N PRO A 285 6.23 -4.80 1.31
CA PRO A 285 6.20 -5.72 0.18
C PRO A 285 7.33 -5.30 -0.76
N ASP A 286 7.89 -6.24 -1.48
CA ASP A 286 9.05 -6.01 -2.37
C ASP A 286 9.16 -7.21 -3.29
N THR A 287 10.23 -7.25 -4.08
CA THR A 287 10.46 -8.24 -5.16
C THR A 287 10.52 -9.64 -4.53
N ASP A 288 10.95 -9.74 -3.27
CA ASP A 288 11.13 -11.04 -2.55
C ASP A 288 10.08 -11.22 -1.44
N PHE A 289 8.89 -10.60 -1.56
CA PHE A 289 7.84 -10.63 -0.50
C PHE A 289 6.50 -10.13 -1.06
N PRO A 290 5.60 -11.04 -1.50
CA PRO A 290 4.31 -10.62 -2.04
C PRO A 290 3.45 -9.84 -1.02
N GLY A 291 3.82 -9.92 0.27
CA GLY A 291 3.30 -9.06 1.36
C GLY A 291 2.23 -9.72 2.21
N LEU A 292 2.24 -11.06 2.33
CA LEU A 292 1.29 -11.77 3.23
C LEU A 292 2.07 -12.50 4.31
N ILE A 293 1.60 -12.39 5.55
CA ILE A 293 2.15 -13.11 6.73
C ILE A 293 1.00 -13.97 7.26
N THR A 294 1.05 -15.29 7.08
CA THR A 294 0.10 -16.23 7.72
C THR A 294 0.65 -16.58 9.09
N LEU A 295 -0.17 -16.42 10.13
CA LEU A 295 0.06 -16.96 11.50
C LEU A 295 -0.93 -18.09 11.75
N THR A 296 -0.43 -19.26 12.15
CA THR A 296 -1.22 -20.49 12.40
C THR A 296 -1.19 -20.86 13.89
N ILE A 297 -2.33 -21.28 14.43
CA ILE A 297 -2.45 -21.95 15.76
C ILE A 297 -2.62 -23.42 15.47
N SER A 298 -1.85 -24.29 16.12
CA SER A 298 -1.95 -25.76 16.01
C SER A 298 -2.31 -26.33 17.38
N LEU A 299 -3.21 -27.31 17.43
CA LEU A 299 -3.55 -28.05 18.67
C LEU A 299 -2.83 -29.41 18.61
N LEU A 300 -2.15 -29.78 19.68
CA LEU A 300 -1.31 -31.00 19.73
C LEU A 300 -1.79 -31.92 20.87
N ASP A 301 -1.86 -33.22 20.58
CA ASP A 301 -2.18 -34.29 21.56
C ASP A 301 -0.87 -34.85 22.10
N THR A 302 -0.70 -34.78 23.44
CA THR A 302 0.55 -35.10 24.16
C THR A 302 0.28 -36.20 25.19
N SER A 303 -0.80 -36.98 25.01
CA SER A 303 -1.23 -38.05 25.94
C SER A 303 -0.29 -39.26 25.83
N ASN A 304 -0.19 -39.93 24.68
CA ASN A 304 0.84 -40.99 24.47
C ASN A 304 2.20 -40.33 24.74
N LEU A 305 2.86 -40.68 25.84
CA LEU A 305 3.94 -39.84 26.44
C LEU A 305 5.26 -40.14 25.72
N GLU A 306 5.39 -41.38 25.25
CA GLU A 306 6.60 -41.96 24.61
C GLU A 306 6.64 -41.53 23.13
N LEU A 307 5.48 -41.48 22.48
CA LEU A 307 5.33 -41.12 21.04
C LEU A 307 5.42 -39.60 20.90
N PRO A 308 5.66 -39.07 19.68
CA PRO A 308 5.70 -37.62 19.49
C PRO A 308 4.30 -37.01 19.45
N GLU A 309 4.22 -35.68 19.59
CA GLU A 309 2.98 -34.86 19.52
C GLU A 309 2.20 -35.22 18.25
N ALA A 310 0.86 -35.29 18.35
CA ALA A 310 -0.07 -35.54 17.23
C ALA A 310 -0.88 -34.28 16.96
N VAL A 311 -0.84 -33.74 15.73
CA VAL A 311 -1.64 -32.54 15.36
C VAL A 311 -3.09 -32.98 15.21
N VAL A 312 -3.98 -32.29 15.94
CA VAL A 312 -5.44 -32.55 15.95
C VAL A 312 -6.16 -31.47 15.15
N PHE A 313 -5.56 -30.29 15.03
CA PHE A 313 -6.29 -29.07 14.64
C PHE A 313 -5.30 -27.93 14.30
N GLN A 314 -5.65 -27.19 13.26
CA GLN A 314 -4.93 -25.99 12.79
C GLN A 314 -5.96 -24.98 12.33
N ASP A 315 -5.86 -23.75 12.82
CA ASP A 315 -6.52 -22.56 12.23
C ASP A 315 -5.42 -21.52 12.02
N SER A 316 -5.66 -20.54 11.15
CA SER A 316 -4.64 -19.54 10.78
C SER A 316 -5.34 -18.21 10.43
N VAL A 317 -4.59 -17.12 10.42
CA VAL A 317 -5.06 -15.79 9.93
C VAL A 317 -4.03 -15.31 8.93
N VAL A 318 -4.47 -14.94 7.73
CA VAL A 318 -3.59 -14.31 6.71
C VAL A 318 -3.62 -12.81 6.96
N PHE A 319 -2.46 -12.20 7.09
CA PHE A 319 -2.29 -10.74 7.19
C PHE A 319 -1.80 -10.24 5.84
N ARG A 320 -2.15 -9.01 5.44
CA ARG A 320 -1.52 -8.34 4.29
C ARG A 320 -0.81 -7.09 4.81
N VAL A 321 0.50 -7.00 4.60
CA VAL A 321 1.37 -5.84 4.99
C VAL A 321 0.95 -4.64 4.14
N ALA A 322 0.58 -3.52 4.76
CA ALA A 322 0.03 -2.35 4.04
C ALA A 322 1.16 -1.72 3.20
N PRO A 323 0.87 -1.42 1.92
CA PRO A 323 1.87 -0.88 1.02
C PRO A 323 2.14 0.62 1.28
N TRP A 324 3.30 1.09 0.84
CA TRP A 324 3.67 2.53 0.87
C TRP A 324 2.89 3.22 -0.24
N ILE A 325 2.16 4.28 0.09
CA ILE A 325 1.31 5.03 -0.89
C ILE A 325 1.76 6.49 -0.91
N MET A 326 1.75 7.09 -2.11
CA MET A 326 2.14 8.51 -2.37
C MET A 326 0.88 9.33 -2.60
N THR A 327 0.95 10.63 -2.30
CA THR A 327 -0.17 11.61 -2.43
C THR A 327 0.10 12.55 -3.59
N PRO A 328 -0.79 12.60 -4.61
CA PRO A 328 -0.62 13.53 -5.71
C PRO A 328 -0.78 14.99 -5.24
N ASN A 329 -0.54 15.96 -6.12
CA ASN A 329 -0.71 17.40 -5.79
C ASN A 329 -2.19 17.74 -5.60
N THR A 330 -3.07 16.98 -6.25
CA THR A 330 -4.55 17.13 -6.13
C THR A 330 -5.01 16.88 -4.69
N GLN A 331 -4.21 16.13 -3.92
CA GLN A 331 -4.50 15.83 -2.49
C GLN A 331 -4.24 17.10 -1.67
N PRO A 332 -5.20 17.53 -0.82
CA PRO A 332 -5.04 18.74 -0.02
C PRO A 332 -3.79 18.72 0.86
N PRO A 333 -3.06 19.84 0.98
CA PRO A 333 -1.81 19.86 1.75
C PRO A 333 -2.13 19.83 3.25
N GLN A 334 -1.23 19.28 4.08
CA GLN A 334 -1.36 19.32 5.56
C GLN A 334 -0.21 20.10 6.17
N GLU A 335 1.01 19.97 5.65
CA GLU A 335 2.17 20.70 6.22
C GLU A 335 3.17 20.93 5.10
N VAL A 336 3.74 22.13 5.07
CA VAL A 336 4.85 22.48 4.14
C VAL A 336 6.14 22.46 4.92
N TYR A 337 7.18 21.86 4.35
CA TYR A 337 8.53 21.78 4.93
C TYR A 337 9.43 22.64 4.04
N ALA A 338 10.02 23.68 4.63
CA ALA A 338 10.93 24.64 3.98
C ALA A 338 12.23 24.69 4.79
N CYS A 339 12.60 23.57 5.42
CA CYS A 339 13.81 23.44 6.29
C CYS A 339 14.98 24.13 5.60
N SER A 340 14.98 24.15 4.25
CA SER A 340 15.87 24.93 3.37
C SER A 340 15.70 26.44 3.66
N GLU A 343 20.69 27.83 2.92
CA GLU A 343 20.26 29.16 3.43
C GLU A 343 18.82 29.46 2.97
N ASN A 344 18.55 30.71 2.55
CA ASN A 344 17.19 31.28 2.31
C ASN A 344 17.30 32.80 2.14
N GLU A 345 16.23 33.44 1.64
CA GLU A 345 16.11 34.92 1.50
C GLU A 345 14.67 35.34 1.82
N ASP A 346 14.09 36.23 0.99
CA ASP A 346 12.67 36.68 1.08
C ASP A 346 11.75 35.57 0.54
N PHE A 347 12.31 34.51 -0.05
CA PHE A 347 11.60 33.28 -0.51
C PHE A 347 10.72 32.76 0.63
N LEU A 348 11.29 32.60 1.82
CA LEU A 348 10.61 32.10 3.05
C LEU A 348 9.38 32.97 3.36
N LYS A 349 9.47 34.28 3.14
CA LYS A 349 8.33 35.23 3.28
C LYS A 349 7.23 34.79 2.28
N SER A 350 7.50 34.92 0.98
CA SER A 350 6.57 34.63 -0.15
C SER A 350 5.99 33.21 -0.03
N VAL A 351 6.66 32.30 0.70
CA VAL A 351 6.18 30.92 1.01
C VAL A 351 5.18 31.00 2.17
N THR A 352 5.55 31.65 3.29
CA THR A 352 4.70 31.78 4.51
C THR A 352 3.43 32.59 4.18
N THR A 353 3.51 33.53 3.22
CA THR A 353 2.36 34.32 2.72
C THR A 353 1.39 33.38 1.98
N LEU A 354 1.92 32.50 1.12
CA LEU A 354 1.12 31.49 0.36
C LEU A 354 0.66 30.35 1.29
N ALA A 355 1.43 30.03 2.33
CA ALA A 355 1.09 29.01 3.35
C ALA A 355 -0.05 29.50 4.24
N MET A 356 0.05 30.73 4.78
CA MET A 356 -1.06 31.44 5.49
C MET A 356 -2.30 31.45 4.59
N LYS A 357 -2.19 32.01 3.37
CA LYS A 357 -3.26 32.09 2.33
C LYS A 357 -3.84 30.70 2.03
N ALA A 358 -3.01 29.65 2.11
CA ALA A 358 -3.40 28.24 1.84
C ALA A 358 -4.00 27.59 3.10
N LYS A 359 -4.09 28.34 4.21
CA LYS A 359 -4.48 27.80 5.54
C LYS A 359 -3.78 26.45 5.74
N CYS A 360 -2.44 26.45 5.67
CA CYS A 360 -1.57 25.25 5.73
C CYS A 360 -0.34 25.55 6.59
N LYS A 361 0.10 24.57 7.39
CA LYS A 361 1.22 24.70 8.36
C LYS A 361 2.56 24.73 7.60
N LEU A 362 3.51 25.53 8.09
CA LEU A 362 4.87 25.72 7.51
C LEU A 362 5.92 25.53 8.61
N THR A 363 7.01 24.83 8.29
CA THR A 363 8.11 24.50 9.23
C THR A 363 9.46 24.90 8.60
N ILE A 364 10.47 25.13 9.42
CA ILE A 364 11.86 25.48 9.00
C ILE A 364 12.84 24.98 10.08
N CYS A 365 14.04 24.51 9.71
CA CYS A 365 15.07 24.02 10.67
C CYS A 365 16.47 24.10 10.04
N MET A 376 17.86 17.30 1.92
CA MET A 376 17.08 18.28 1.10
C MET A 376 15.71 17.70 0.77
N GLN A 377 14.74 18.58 0.48
CA GLN A 377 13.32 18.24 0.14
C GLN A 377 13.26 17.44 -1.17
N ASP A 378 14.11 17.76 -2.15
CA ASP A 378 14.18 17.09 -3.47
C ASP A 378 14.53 15.60 -3.29
N GLU A 379 15.23 15.23 -2.21
CA GLU A 379 15.86 13.90 -2.06
C GLU A 379 15.06 13.05 -1.05
N MET A 380 13.73 13.05 -1.14
CA MET A 380 12.84 12.23 -0.26
C MET A 380 11.39 12.59 -0.56
N GLU A 381 10.47 11.71 -0.16
CA GLU A 381 9.05 11.78 -0.57
C GLU A 381 8.17 11.28 0.59
N ILE A 382 7.30 12.14 1.11
CA ILE A 382 6.38 11.85 2.25
C ILE A 382 5.13 11.16 1.69
N GLY A 383 5.04 9.84 1.90
CA GLY A 383 3.85 9.04 1.54
C GLY A 383 2.98 8.79 2.76
N TYR A 384 2.22 7.69 2.76
CA TYR A 384 1.58 7.14 3.98
C TYR A 384 1.41 5.63 3.86
N ILE A 385 1.29 4.97 5.03
CA ILE A 385 0.84 3.55 5.20
C ILE A 385 -0.45 3.61 6.01
N GLN A 386 -1.42 2.74 5.74
CA GLN A 386 -2.84 2.89 6.20
C GLN A 386 -3.44 1.54 6.56
N ALA A 387 -3.88 1.40 7.81
CA ALA A 387 -4.72 0.27 8.27
C ALA A 387 -6.00 0.83 8.87
N PRO A 388 -7.07 0.00 9.02
CA PRO A 388 -8.31 0.42 9.68
C PRO A 388 -8.06 1.16 11.00
N HIS A 389 -7.08 0.70 11.77
CA HIS A 389 -6.80 1.15 13.16
C HIS A 389 -5.81 2.34 13.21
N LYS A 390 -4.99 2.55 12.16
CA LYS A 390 -4.00 3.66 12.13
C LYS A 390 -3.71 4.02 10.68
N THR A 391 -3.65 5.31 10.38
CA THR A 391 -3.07 5.93 9.16
C THR A 391 -1.86 6.73 9.61
N LEU A 392 -0.65 6.42 9.14
CA LEU A 392 0.59 7.08 9.62
C LEU A 392 1.36 7.62 8.42
N PRO A 393 1.89 8.86 8.50
CA PRO A 393 2.76 9.39 7.44
C PRO A 393 4.11 8.66 7.50
N VAL A 394 4.58 8.14 6.36
CA VAL A 394 5.94 7.53 6.20
C VAL A 394 6.65 8.30 5.09
N VAL A 395 7.88 8.75 5.36
CA VAL A 395 8.79 9.42 4.38
C VAL A 395 9.82 8.41 3.88
N PHE A 396 9.78 8.15 2.57
CA PHE A 396 10.78 7.35 1.83
C PHE A 396 11.90 8.34 1.46
N ASP A 397 13.14 7.98 1.81
CA ASP A 397 14.37 8.76 1.55
C ASP A 397 15.10 8.16 0.35
N SER A 398 15.25 8.94 -0.73
CA SER A 398 16.07 8.61 -1.92
C SER A 398 17.45 8.12 -1.51
N PRO A 399 18.04 7.13 -2.21
CA PRO A 399 19.45 6.75 -2.02
C PRO A 399 20.44 7.93 -1.86
N MET A 413 18.72 13.97 11.33
CA MET A 413 17.55 14.30 10.46
C MET A 413 16.29 14.39 11.34
N GLY A 414 15.76 15.60 11.57
CA GLY A 414 14.62 15.87 12.48
C GLY A 414 13.40 16.48 11.76
N PRO A 415 12.71 15.74 10.85
CA PRO A 415 11.42 16.15 10.28
C PRO A 415 10.17 15.48 10.90
N ASP A 416 9.41 14.65 10.14
CA ASP A 416 8.08 14.06 10.51
C ASP A 416 8.24 12.92 11.52
N PHE A 417 7.77 11.70 11.18
CA PHE A 417 7.84 10.47 12.03
C PHE A 417 7.46 9.24 11.18
N GLY A 418 8.47 8.42 10.84
CA GLY A 418 8.37 7.24 9.96
C GLY A 418 9.28 7.40 8.73
N TYR A 419 10.42 6.70 8.68
CA TYR A 419 11.35 6.65 7.52
C TYR A 419 11.35 5.23 6.94
N VAL A 420 11.96 4.99 5.76
CA VAL A 420 12.26 3.61 5.23
C VAL A 420 13.63 3.57 4.49
N ILE A 429 24.40 4.03 -8.01
CA ILE A 429 23.42 5.16 -7.85
C ILE A 429 23.43 6.00 -9.14
N SER A 430 22.25 6.17 -9.74
CA SER A 430 22.01 6.94 -11.00
C SER A 430 21.26 8.23 -10.68
N GLY A 431 21.29 9.20 -11.59
CA GLY A 431 20.56 10.49 -11.50
C GLY A 431 19.05 10.30 -11.61
N LEU A 432 18.60 9.11 -12.04
CA LEU A 432 17.17 8.75 -12.16
C LEU A 432 16.71 7.94 -10.94
N ASP A 433 17.55 7.78 -9.91
CA ASP A 433 17.19 7.08 -8.65
C ASP A 433 16.59 8.10 -7.65
N SER A 434 16.70 9.40 -7.95
CA SER A 434 16.16 10.49 -7.10
C SER A 434 14.63 10.47 -7.14
N PHE A 435 13.97 11.08 -6.15
CA PHE A 435 12.48 11.19 -6.07
C PHE A 435 12.05 12.46 -6.78
N GLY A 436 13.04 13.26 -7.17
CA GLY A 436 12.87 14.24 -8.25
C GLY A 436 12.18 13.53 -9.40
N ASN A 437 12.59 12.28 -9.64
CA ASN A 437 12.10 11.40 -10.75
C ASN A 437 10.98 10.48 -10.25
N LEU A 438 10.04 11.02 -9.47
CA LEU A 438 8.93 10.24 -8.86
C LEU A 438 7.76 11.18 -8.59
N GLU A 439 6.74 11.13 -9.44
CA GLU A 439 5.41 11.77 -9.23
C GLU A 439 4.36 10.66 -9.13
N VAL A 440 3.16 10.99 -8.65
CA VAL A 440 1.98 10.11 -8.82
C VAL A 440 0.88 10.94 -9.47
N SER A 441 0.16 10.38 -10.43
CA SER A 441 -1.05 11.03 -11.02
C SER A 441 -2.09 11.23 -9.94
N PRO A 442 -3.21 11.93 -10.23
CA PRO A 442 -4.38 11.96 -9.36
C PRO A 442 -5.21 10.72 -9.65
N PRO A 443 -6.27 10.43 -8.87
CA PRO A 443 -7.17 9.31 -9.16
C PRO A 443 -7.60 9.32 -10.63
N VAL A 444 -7.34 8.25 -11.37
CA VAL A 444 -7.75 8.10 -12.79
C VAL A 444 -8.44 6.74 -12.99
N THR A 445 -9.26 6.68 -14.04
CA THR A 445 -9.82 5.44 -14.64
C THR A 445 -9.28 5.36 -16.07
N VAL A 446 -9.02 4.16 -16.59
CA VAL A 446 -8.35 3.96 -17.90
C VAL A 446 -8.96 2.74 -18.59
N ARG A 447 -9.83 2.96 -19.58
CA ARG A 447 -10.42 1.89 -20.44
C ARG A 447 -11.12 0.86 -19.53
N GLY A 448 -11.83 1.32 -18.50
CA GLY A 448 -12.48 0.44 -17.51
C GLY A 448 -11.70 0.38 -16.20
N LYS A 449 -10.50 -0.20 -16.22
CA LYS A 449 -9.62 -0.38 -15.02
C LYS A 449 -9.57 0.92 -14.24
N GLU A 450 -9.70 0.86 -12.92
CA GLU A 450 -9.76 2.07 -12.04
C GLU A 450 -8.51 2.15 -11.15
N TYR A 451 -8.02 3.38 -10.94
CA TYR A 451 -6.75 3.69 -10.23
C TYR A 451 -7.01 4.78 -9.20
N PRO A 452 -7.89 4.52 -8.22
CA PRO A 452 -8.28 5.52 -7.22
C PRO A 452 -7.22 6.15 -6.32
N LEU A 453 -6.02 5.56 -6.20
CA LEU A 453 -4.89 6.24 -5.49
C LEU A 453 -3.91 6.78 -6.53
N GLY A 454 -4.40 6.90 -7.77
CA GLY A 454 -3.61 7.34 -8.93
C GLY A 454 -2.65 6.26 -9.38
N ARG A 455 -1.71 6.67 -10.24
CA ARG A 455 -0.58 5.85 -10.73
C ARG A 455 0.72 6.66 -10.57
N ILE A 456 1.75 6.03 -9.99
CA ILE A 456 3.13 6.55 -9.82
C ILE A 456 3.74 6.68 -11.22
N LEU A 457 4.39 7.78 -11.52
CA LEU A 457 5.12 8.01 -12.80
C LEU A 457 6.61 8.18 -12.47
N PHE A 458 7.49 7.50 -13.18
CA PHE A 458 8.94 7.67 -12.97
C PHE A 458 9.64 7.69 -14.32
N GLY A 459 10.70 8.49 -14.42
CA GLY A 459 11.47 8.69 -15.67
C GLY A 459 12.36 7.49 -15.95
N ASP A 460 12.63 7.25 -17.24
CA ASP A 460 13.45 6.12 -17.72
C ASP A 460 13.98 6.53 -19.10
N SER A 461 14.70 5.63 -19.80
CA SER A 461 15.06 5.75 -21.22
C SER A 461 13.96 5.17 -22.10
N CYS A 462 14.09 5.23 -23.42
CA CYS A 462 13.17 4.58 -24.38
C CYS A 462 13.57 3.12 -24.53
N TYR A 463 14.84 2.91 -24.84
CA TYR A 463 15.49 1.59 -24.94
C TYR A 463 16.84 1.67 -24.24
N PRO A 464 17.39 0.59 -23.67
CA PRO A 464 18.62 0.69 -22.91
C PRO A 464 19.82 0.60 -23.86
N SER A 465 20.61 1.68 -23.97
CA SER A 465 21.91 1.73 -24.72
C SER A 465 23.07 1.73 -23.72
N ASN A 466 24.29 2.08 -24.16
CA ASN A 466 25.46 2.27 -23.26
C ASN A 466 25.58 3.74 -22.90
N ASP A 467 24.79 4.60 -23.55
CA ASP A 467 24.71 6.06 -23.27
C ASP A 467 23.32 6.39 -22.71
N SER A 468 22.72 5.46 -21.97
CA SER A 468 21.32 5.55 -21.46
C SER A 468 21.25 5.14 -19.99
N ARG A 469 20.42 5.87 -19.24
CA ARG A 469 20.26 5.80 -17.77
C ARG A 469 18.84 5.30 -17.47
N GLN A 470 18.69 4.44 -16.47
CA GLN A 470 17.36 3.99 -15.99
C GLN A 470 17.33 4.14 -14.47
N MET A 471 16.14 4.21 -13.86
CA MET A 471 15.98 4.02 -12.40
C MET A 471 16.50 2.62 -12.03
N HIS A 472 17.13 2.46 -10.86
CA HIS A 472 17.72 1.18 -10.39
C HIS A 472 16.59 0.16 -10.29
N GLN A 473 16.70 -0.99 -10.96
CA GLN A 473 15.61 -2.01 -11.04
C GLN A 473 15.00 -2.22 -9.66
N ALA A 474 15.85 -2.21 -8.62
CA ALA A 474 15.54 -2.45 -7.18
C ALA A 474 14.37 -1.57 -6.71
N LEU A 475 14.37 -0.28 -7.08
CA LEU A 475 13.30 0.72 -6.82
C LEU A 475 12.04 0.45 -7.65
N GLN A 476 12.21 0.31 -8.97
CA GLN A 476 11.10 0.04 -9.91
C GLN A 476 10.28 -1.14 -9.38
N ASP A 477 10.95 -2.21 -8.94
CA ASP A 477 10.29 -3.46 -8.47
C ASP A 477 9.53 -3.16 -7.17
N PHE A 478 10.18 -2.43 -6.25
CA PHE A 478 9.57 -2.01 -4.94
C PHE A 478 8.24 -1.28 -5.20
N LEU A 479 8.18 -0.33 -6.13
CA LEU A 479 6.97 0.49 -6.34
C LEU A 479 5.83 -0.40 -6.82
N SER A 480 6.15 -1.30 -7.78
CA SER A 480 5.20 -2.30 -8.34
C SER A 480 4.71 -3.26 -7.24
N ALA A 481 5.62 -3.73 -6.39
CA ALA A 481 5.30 -4.53 -5.19
C ALA A 481 4.13 -3.94 -4.40
N GLN A 482 3.96 -2.61 -4.37
CA GLN A 482 2.94 -1.93 -3.51
C GLN A 482 1.60 -1.98 -4.26
N GLN A 483 1.65 -2.26 -5.56
CA GLN A 483 0.50 -2.71 -6.37
C GLN A 483 -0.54 -1.60 -6.58
N VAL A 484 -0.88 -0.82 -5.56
CA VAL A 484 -2.08 0.06 -5.58
C VAL A 484 -1.89 1.30 -6.47
N GLN A 485 -0.69 1.57 -6.98
CA GLN A 485 -0.41 2.80 -7.77
C GLN A 485 0.38 2.44 -9.03
N ALA A 486 0.11 1.24 -9.57
CA ALA A 486 0.62 0.66 -10.84
C ALA A 486 1.54 1.64 -11.57
N PRO A 487 2.86 1.64 -11.23
CA PRO A 487 3.82 2.57 -11.81
C PRO A 487 3.68 2.60 -13.34
N VAL A 488 4.04 3.73 -13.93
CA VAL A 488 4.03 4.00 -15.40
C VAL A 488 5.39 4.60 -15.75
N LYS A 489 6.00 4.10 -16.81
CA LYS A 489 7.39 4.42 -17.19
C LYS A 489 7.35 5.47 -18.31
N LEU A 490 7.86 6.66 -18.02
CA LEU A 490 7.90 7.83 -18.91
C LEU A 490 9.31 8.01 -19.47
N TYR A 491 9.49 8.86 -20.48
CA TYR A 491 10.79 9.15 -21.12
C TYR A 491 11.32 10.47 -20.56
N SER A 492 12.46 10.41 -19.85
CA SER A 492 13.12 11.56 -19.17
C SER A 492 14.63 11.61 -19.44
N ASP A 493 15.25 10.54 -19.97
CA ASP A 493 16.73 10.44 -20.07
C ASP A 493 17.27 11.52 -21.01
N TRP A 494 16.40 12.13 -21.81
CA TRP A 494 16.73 13.23 -22.76
C TRP A 494 17.15 14.48 -22.00
N LEU A 495 16.68 14.66 -20.75
CA LEU A 495 17.01 15.79 -19.85
C LEU A 495 18.35 15.50 -19.17
N SER A 496 19.16 16.53 -18.93
CA SER A 496 20.49 16.42 -18.25
C SER A 496 20.32 15.81 -16.86
N VAL A 497 19.41 16.37 -16.04
CA VAL A 497 19.18 15.88 -14.65
C VAL A 497 18.47 14.51 -14.77
N GLY A 498 17.32 14.50 -15.44
CA GLY A 498 16.59 13.29 -15.89
C GLY A 498 15.34 13.02 -15.08
N HIS A 499 14.64 14.05 -14.61
CA HIS A 499 13.50 13.91 -13.66
C HIS A 499 12.18 14.29 -14.35
N VAL A 500 11.12 13.50 -14.12
CA VAL A 500 9.79 13.72 -14.76
C VAL A 500 9.18 15.02 -14.25
N ASP A 501 9.52 15.44 -13.02
CA ASP A 501 8.99 16.68 -12.39
C ASP A 501 9.52 17.90 -13.13
N GLU A 502 10.50 17.73 -14.02
CA GLU A 502 11.08 18.78 -14.88
C GLU A 502 10.13 19.14 -16.02
N PHE A 503 9.24 18.24 -16.47
CA PHE A 503 8.37 18.60 -17.63
C PHE A 503 6.90 18.33 -17.37
N LEU A 504 6.54 17.74 -16.23
CA LEU A 504 5.11 17.45 -15.94
C LEU A 504 4.79 17.79 -14.49
N SER A 505 3.51 18.05 -14.26
CA SER A 505 2.93 18.35 -12.93
C SER A 505 1.41 18.18 -13.01
N PHE A 506 0.75 18.16 -11.86
CA PHE A 506 -0.71 18.21 -11.83
C PHE A 506 -1.16 19.33 -10.90
N VAL A 507 -2.37 19.83 -11.17
CA VAL A 507 -3.02 20.91 -10.38
C VAL A 507 -4.51 20.61 -10.36
N PRO A 508 -5.20 20.94 -9.26
CA PRO A 508 -6.63 20.70 -9.12
C PRO A 508 -7.42 21.59 -10.06
N ALA A 509 -8.43 21.00 -10.70
CA ALA A 509 -9.44 21.69 -11.51
C ALA A 509 -10.80 21.40 -10.88
N PRO A 510 -11.82 22.26 -11.13
CA PRO A 510 -13.18 22.02 -10.65
C PRO A 510 -13.94 21.01 -11.54
N ASP A 511 -13.83 21.15 -12.88
CA ASP A 511 -14.66 20.46 -13.91
C ASP A 511 -13.96 19.19 -14.38
N ARG A 512 -14.47 18.55 -15.44
CA ARG A 512 -13.84 17.38 -16.14
C ARG A 512 -13.44 16.32 -15.10
N LYS A 513 -12.17 15.87 -15.06
CA LYS A 513 -11.70 14.81 -14.12
C LYS A 513 -11.21 15.41 -12.80
N GLY A 514 -11.37 16.72 -12.62
CA GLY A 514 -11.03 17.40 -11.35
C GLY A 514 -9.55 17.65 -11.24
N PHE A 515 -8.87 17.66 -12.39
CA PHE A 515 -7.42 17.98 -12.46
C PHE A 515 -7.02 18.34 -13.89
N ARG A 516 -5.88 19.03 -13.97
CA ARG A 516 -5.14 19.27 -15.23
C ARG A 516 -3.72 18.72 -15.07
N LEU A 517 -3.30 17.97 -16.10
CA LEU A 517 -1.89 17.65 -16.44
C LEU A 517 -1.25 18.94 -16.98
N LEU A 518 -0.16 19.40 -16.36
CA LEU A 518 0.67 20.50 -16.90
C LEU A 518 1.94 19.92 -17.54
N LEU A 519 2.05 20.06 -18.86
CA LEU A 519 3.27 19.73 -19.62
C LEU A 519 3.97 21.02 -20.03
N ALA A 520 5.27 21.11 -19.73
CA ALA A 520 6.24 22.04 -20.37
C ALA A 520 6.02 22.02 -21.88
N SER A 521 6.16 23.19 -22.53
CA SER A 521 5.84 23.38 -23.97
C SER A 521 6.73 24.47 -24.54
N PRO A 522 7.73 24.13 -25.38
CA PRO A 522 8.44 25.15 -26.16
C PRO A 522 7.50 25.91 -27.13
N ARG A 523 6.72 25.21 -27.95
CA ARG A 523 5.76 25.84 -28.90
C ARG A 523 4.94 26.93 -28.23
N SER A 524 4.22 26.59 -27.16
CA SER A 524 3.43 27.54 -26.33
C SER A 524 4.23 28.85 -26.14
N CYS A 525 5.49 28.75 -25.73
CA CYS A 525 6.37 29.91 -25.40
C CYS A 525 6.72 30.68 -26.67
N TYR A 526 7.05 29.96 -27.74
CA TYR A 526 7.43 30.55 -29.06
C TYR A 526 6.23 31.35 -29.60
N LYS A 527 5.07 30.70 -29.80
CA LYS A 527 3.85 31.41 -30.33
C LYS A 527 3.64 32.73 -29.57
N LEU A 528 3.88 32.74 -28.25
CA LEU A 528 3.75 33.95 -27.41
C LEU A 528 4.87 34.95 -27.76
N PHE A 529 6.13 34.52 -27.65
CA PHE A 529 7.33 35.35 -27.91
C PHE A 529 7.24 36.06 -29.27
N GLN A 530 6.73 35.40 -30.30
CA GLN A 530 6.62 36.03 -31.65
C GLN A 530 5.35 36.89 -31.74
N GLU A 531 4.17 36.37 -31.35
CA GLU A 531 2.91 37.16 -31.31
C GLU A 531 3.27 38.59 -30.88
N GLN A 532 4.19 38.71 -29.91
CA GLN A 532 4.78 39.98 -29.40
C GLN A 532 5.51 40.74 -30.51
N GLN A 533 6.57 40.16 -31.12
CA GLN A 533 7.37 40.82 -32.20
C GLN A 533 6.40 41.54 -33.14
N ASN A 534 5.35 40.82 -33.55
CA ASN A 534 4.25 41.28 -34.44
C ASN A 534 3.63 42.58 -33.92
N GLU A 535 3.55 42.76 -32.59
CA GLU A 535 2.98 43.98 -31.94
C GLU A 535 4.11 44.99 -31.62
N GLY A 536 5.37 44.65 -31.93
CA GLY A 536 6.51 45.59 -31.98
C GLY A 536 7.43 45.51 -30.77
N HIS A 537 7.08 44.68 -29.77
CA HIS A 537 7.85 44.54 -28.50
C HIS A 537 8.99 43.54 -28.69
N GLY A 538 9.36 43.22 -29.94
CA GLY A 538 10.51 42.35 -30.28
C GLY A 538 11.77 42.75 -29.51
N GLU A 539 11.84 44.00 -29.06
CA GLU A 539 13.03 44.58 -28.37
C GLU A 539 13.05 44.16 -26.89
N ALA A 540 11.95 43.61 -26.35
CA ALA A 540 11.79 43.27 -24.91
C ALA A 540 12.86 42.26 -24.47
N LEU A 541 13.51 42.54 -23.34
CA LEU A 541 14.70 41.81 -22.84
C LEU A 541 14.26 40.80 -21.77
N LEU A 542 14.45 39.50 -22.05
CA LEU A 542 14.34 38.40 -21.06
C LEU A 542 15.57 38.48 -20.14
N PHE A 543 15.40 38.23 -18.84
CA PHE A 543 16.46 38.27 -17.79
C PHE A 543 16.67 39.71 -17.26
N GLU A 544 15.65 40.58 -17.38
CA GLU A 544 15.66 41.94 -16.78
C GLU A 544 15.76 41.81 -15.25
N GLY A 545 16.47 42.72 -14.59
CA GLY A 545 16.71 42.72 -13.13
C GLY A 545 17.30 41.40 -12.63
N ILE A 546 18.52 41.08 -13.07
CA ILE A 546 19.27 39.84 -12.71
C ILE A 546 20.74 40.18 -12.51
N LYS A 547 21.29 39.86 -11.34
CA LYS A 547 22.68 40.19 -10.90
C LYS A 547 23.70 39.61 -11.90
N LYS A 548 23.56 38.32 -12.27
CA LYS A 548 24.57 37.56 -13.06
C LYS A 548 23.89 36.76 -14.18
N LYS A 549 23.49 37.41 -15.28
CA LYS A 549 22.95 36.73 -16.49
C LYS A 549 22.92 37.71 -17.66
N LYS A 550 23.47 37.30 -18.82
CA LYS A 550 23.45 38.07 -20.09
C LYS A 550 22.00 38.10 -20.62
N GLN A 551 21.37 39.28 -20.61
CA GLN A 551 19.96 39.50 -21.04
C GLN A 551 19.81 39.18 -22.54
N GLN A 552 18.57 38.92 -22.99
CA GLN A 552 18.25 38.51 -24.39
C GLN A 552 16.92 39.12 -24.82
N LYS A 553 16.82 39.58 -26.08
CA LYS A 553 15.57 40.13 -26.65
C LYS A 553 14.80 39.04 -27.38
N ILE A 554 13.48 39.09 -27.33
CA ILE A 554 12.57 38.23 -28.12
C ILE A 554 13.17 38.03 -29.52
N LYS A 555 13.45 39.13 -30.22
CA LYS A 555 13.94 39.14 -31.62
C LYS A 555 15.15 38.19 -31.77
N ASN A 556 16.16 38.36 -30.90
CA ASN A 556 17.49 37.69 -30.96
C ASN A 556 17.40 36.26 -30.44
N ILE A 557 16.28 35.90 -29.81
CA ILE A 557 15.92 34.52 -29.39
C ILE A 557 15.15 33.84 -30.53
N LEU A 558 14.14 34.53 -31.08
CA LEU A 558 13.37 34.05 -32.25
C LEU A 558 14.30 33.90 -33.47
N SER A 559 15.18 34.87 -33.71
CA SER A 559 16.10 34.88 -34.88
C SER A 559 17.19 33.80 -34.75
N ASN A 560 17.33 33.16 -33.57
CA ASN A 560 18.26 32.00 -33.40
C ASN A 560 17.65 30.78 -34.11
N LYS A 561 18.41 30.16 -35.01
CA LYS A 561 18.05 28.93 -35.77
C LYS A 561 18.48 27.68 -34.95
N THR A 562 19.62 27.76 -34.25
CA THR A 562 20.21 26.70 -33.39
C THR A 562 19.27 26.42 -32.21
N LEU A 563 18.67 27.47 -31.65
CA LEU A 563 17.75 27.35 -30.50
C LEU A 563 16.44 26.73 -31.00
N ARG A 564 15.80 27.34 -32.00
CA ARG A 564 14.50 26.90 -32.58
C ARG A 564 14.52 25.37 -32.70
N GLU A 565 15.64 24.78 -33.15
CA GLU A 565 15.76 23.32 -33.36
C GLU A 565 15.86 22.59 -32.03
N HIS A 566 16.90 22.85 -31.23
CA HIS A 566 17.02 22.32 -29.85
C HIS A 566 15.63 22.22 -29.22
N ASN A 567 14.89 23.33 -29.18
CA ASN A 567 13.55 23.40 -28.57
C ASN A 567 12.59 22.50 -29.37
N SER A 568 12.67 22.54 -30.70
CA SER A 568 11.83 21.73 -31.62
C SER A 568 12.07 20.22 -31.38
N PHE A 569 13.26 19.84 -30.96
CA PHE A 569 13.63 18.45 -30.62
C PHE A 569 13.01 18.06 -29.27
N VAL A 570 13.07 18.99 -28.30
CA VAL A 570 12.49 18.79 -26.95
C VAL A 570 11.00 18.61 -27.12
N GLU A 571 10.37 19.45 -27.95
CA GLU A 571 8.93 19.33 -28.25
C GLU A 571 8.60 17.85 -28.46
N ARG A 572 9.31 17.20 -29.36
CA ARG A 572 9.11 15.76 -29.66
C ARG A 572 9.20 14.96 -28.35
N CYS A 573 10.32 15.07 -27.64
CA CYS A 573 10.58 14.27 -26.41
C CYS A 573 9.38 14.32 -25.47
N ILE A 574 8.81 15.50 -25.26
CA ILE A 574 7.63 15.72 -24.38
C ILE A 574 6.38 15.15 -25.07
N ASP A 575 6.22 15.43 -26.37
CA ASP A 575 5.03 15.03 -27.18
C ASP A 575 4.93 13.50 -27.15
N TRP A 576 6.06 12.81 -26.94
CA TRP A 576 6.13 11.34 -26.73
C TRP A 576 5.52 11.00 -25.37
N ASN A 577 5.89 11.72 -24.31
CA ASN A 577 5.33 11.47 -22.95
C ASN A 577 3.87 11.89 -22.94
N ARG A 578 3.52 12.92 -23.72
CA ARG A 578 2.12 13.40 -23.89
C ARG A 578 1.25 12.18 -24.24
N GLU A 579 1.65 11.41 -25.24
CA GLU A 579 0.90 10.20 -25.67
C GLU A 579 0.97 9.13 -24.57
N LEU A 580 2.17 8.83 -24.06
CA LEU A 580 2.36 7.84 -22.95
C LEU A 580 1.37 8.15 -21.83
N LEU A 581 1.37 9.40 -21.36
CA LEU A 581 0.44 9.85 -20.31
C LEU A 581 -1.02 9.69 -20.78
N LYS A 582 -1.34 10.11 -22.01
CA LYS A 582 -2.74 10.12 -22.51
C LYS A 582 -3.27 8.67 -22.42
N ARG A 583 -2.41 7.68 -22.66
CA ARG A 583 -2.80 6.25 -22.78
C ARG A 583 -2.90 5.62 -21.38
N GLU A 584 -1.87 5.77 -20.55
CA GLU A 584 -1.75 5.01 -19.29
C GLU A 584 -2.58 5.68 -18.20
N LEU A 585 -2.90 6.97 -18.34
CA LEU A 585 -3.77 7.75 -17.38
C LEU A 585 -5.12 8.04 -18.04
N GLY A 586 -5.32 7.60 -19.29
CA GLY A 586 -6.61 7.72 -20.01
C GLY A 586 -7.11 9.16 -20.01
N LEU A 587 -6.44 10.04 -20.77
CA LEU A 587 -6.66 11.51 -20.81
C LEU A 587 -7.04 11.90 -22.23
N ALA A 588 -7.81 12.99 -22.32
CA ALA A 588 -8.15 13.73 -23.56
C ALA A 588 -7.39 15.05 -23.53
N GLU A 589 -7.12 15.64 -24.68
CA GLU A 589 -6.41 16.94 -24.77
C GLU A 589 -7.06 17.92 -23.80
N SER A 590 -8.39 17.83 -23.61
CA SER A 590 -9.17 18.74 -22.75
C SER A 590 -8.88 18.46 -21.27
N ASP A 591 -7.74 17.83 -20.97
CA ASP A 591 -7.30 17.56 -19.58
C ASP A 591 -5.88 18.10 -19.41
N ILE A 592 -5.27 18.48 -20.53
CA ILE A 592 -3.83 18.84 -20.61
C ILE A 592 -3.73 20.34 -20.85
N ILE A 593 -2.85 21.02 -20.15
CA ILE A 593 -2.57 22.46 -20.35
C ILE A 593 -1.08 22.59 -20.68
N ASP A 594 -0.74 23.32 -21.75
CA ASP A 594 0.68 23.55 -22.15
C ASP A 594 1.16 24.84 -21.48
N ILE A 595 2.15 24.73 -20.59
CA ILE A 595 2.83 25.91 -19.97
C ILE A 595 4.02 26.27 -20.85
N PRO A 596 4.11 27.54 -21.31
CA PRO A 596 5.21 27.98 -22.17
C PRO A 596 6.54 27.86 -21.41
N GLN A 597 7.48 27.10 -21.97
CA GLN A 597 8.77 26.77 -21.33
C GLN A 597 9.80 26.38 -22.40
N LEU A 598 10.93 27.09 -22.47
CA LEU A 598 12.01 26.85 -23.46
C LEU A 598 13.16 26.08 -22.82
N PHE A 599 14.04 25.49 -23.63
CA PHE A 599 15.21 24.68 -23.16
C PHE A 599 16.47 24.99 -23.99
N LYS A 600 17.62 24.92 -23.33
CA LYS A 600 18.97 24.80 -23.95
C LYS A 600 19.33 23.32 -23.86
N LEU A 601 20.23 22.82 -24.72
CA LEU A 601 20.78 21.45 -24.65
C LEU A 601 22.25 21.55 -24.27
N LYS A 602 22.60 21.26 -23.02
CA LYS A 602 24.00 21.40 -22.53
C LYS A 602 24.81 20.17 -22.97
N GLU A 603 25.73 19.69 -22.14
CA GLU A 603 26.66 18.58 -22.46
C GLU A 603 25.85 17.38 -23.00
N PHE A 604 26.44 16.63 -23.95
CA PHE A 604 25.86 15.41 -24.58
C PHE A 604 24.40 15.65 -24.98
N SER A 605 24.13 16.75 -25.70
CA SER A 605 22.81 17.09 -26.28
C SER A 605 21.68 16.97 -25.25
N LYS A 606 21.99 17.02 -23.95
CA LYS A 606 20.98 16.88 -22.86
C LYS A 606 20.33 18.24 -22.57
N ALA A 607 19.13 18.23 -21.97
CA ALA A 607 18.26 19.43 -21.83
C ALA A 607 18.15 19.92 -20.37
N GLU A 608 18.21 21.25 -20.20
CA GLU A 608 17.86 22.00 -18.96
C GLU A 608 16.84 23.07 -19.39
N ALA A 609 15.99 23.54 -18.47
CA ALA A 609 15.07 24.68 -18.69
C ALA A 609 15.90 25.90 -19.13
N PHE A 610 15.43 26.63 -20.13
CA PHE A 610 16.11 27.85 -20.65
C PHE A 610 15.92 28.99 -19.65
N PHE A 611 14.76 29.02 -19.00
CA PHE A 611 14.42 29.97 -17.92
C PHE A 611 13.72 29.20 -16.80
N PRO A 612 13.83 29.66 -15.52
CA PRO A 612 13.24 28.95 -14.38
C PRO A 612 11.99 28.11 -14.72
N ASN A 613 12.08 26.80 -14.44
CA ASN A 613 11.16 25.75 -14.94
C ASN A 613 9.79 25.89 -14.26
N MET A 614 8.86 26.61 -14.89
CA MET A 614 7.59 27.06 -14.26
C MET A 614 6.61 25.90 -13.98
N VAL A 615 6.72 24.77 -14.68
CA VAL A 615 5.75 23.63 -14.51
C VAL A 615 5.96 22.97 -13.13
N ASN A 616 7.21 22.94 -12.65
CA ASN A 616 7.65 22.31 -11.39
C ASN A 616 7.34 23.25 -10.21
N MET A 617 6.06 23.49 -9.95
CA MET A 617 5.56 24.54 -9.01
C MET A 617 5.20 23.92 -7.66
N LEU A 618 4.81 24.77 -6.70
CA LEU A 618 4.27 24.37 -5.38
C LEU A 618 2.73 24.48 -5.39
N VAL A 619 2.02 23.34 -5.45
CA VAL A 619 0.53 23.27 -5.36
C VAL A 619 0.14 23.13 -3.88
N LEU A 620 -0.58 24.11 -3.34
CA LEU A 620 -1.26 24.02 -2.02
C LEU A 620 -2.74 24.23 -2.27
N GLY A 621 -3.46 23.15 -2.63
CA GLY A 621 -4.83 23.24 -3.16
C GLY A 621 -4.88 24.24 -4.29
N LYS A 622 -5.73 25.26 -4.18
CA LYS A 622 -5.98 26.27 -5.25
C LYS A 622 -4.98 27.43 -5.16
N HIS A 623 -3.82 27.25 -4.53
CA HIS A 623 -2.81 28.33 -4.34
C HIS A 623 -1.46 27.86 -4.86
N LEU A 624 -1.06 28.36 -6.03
CA LEU A 624 0.15 27.91 -6.76
C LEU A 624 1.32 28.87 -6.50
N GLY A 625 2.42 28.33 -5.97
CA GLY A 625 3.73 29.00 -5.92
C GLY A 625 4.53 28.66 -7.16
N ILE A 626 4.43 29.48 -8.21
CA ILE A 626 5.10 29.24 -9.52
C ILE A 626 6.48 29.90 -9.48
N PRO A 627 7.56 29.22 -9.94
CA PRO A 627 8.86 29.87 -10.07
C PRO A 627 8.80 31.08 -11.01
N LYS A 628 9.23 32.24 -10.51
CA LYS A 628 9.24 33.48 -11.32
C LYS A 628 10.13 33.19 -12.52
N PRO A 629 9.59 33.25 -13.76
CA PRO A 629 10.38 32.98 -14.96
C PRO A 629 11.40 34.09 -15.24
N PHE A 630 11.18 35.31 -14.72
CA PHE A 630 12.04 36.51 -14.94
C PHE A 630 12.16 36.75 -16.46
N GLY A 631 11.01 36.85 -17.14
CA GLY A 631 10.91 36.90 -18.61
C GLY A 631 10.75 38.32 -19.14
N PRO A 632 10.72 38.49 -20.47
CA PRO A 632 10.51 39.81 -21.07
C PRO A 632 9.23 40.45 -20.53
N VAL A 633 9.36 41.65 -19.96
CA VAL A 633 8.24 42.51 -19.43
C VAL A 633 7.68 43.31 -20.61
N ILE A 634 6.36 43.29 -20.80
CA ILE A 634 5.67 44.07 -21.88
C ILE A 634 4.48 44.80 -21.27
N ASN A 635 4.53 46.14 -21.26
CA ASN A 635 3.45 46.96 -20.68
C ASN A 635 3.45 46.67 -19.18
N GLY A 636 4.65 46.49 -18.61
CA GLY A 636 4.88 46.23 -17.17
C GLY A 636 4.22 44.95 -16.66
N ARG A 637 4.25 43.85 -17.42
CA ARG A 637 3.77 42.50 -16.98
C ARG A 637 4.50 41.41 -17.77
N CYS A 638 5.33 40.58 -17.08
CA CYS A 638 6.18 39.51 -17.70
C CYS A 638 5.32 38.64 -18.62
N CYS A 639 5.43 38.86 -19.94
CA CYS A 639 4.62 38.18 -20.98
C CYS A 639 4.27 36.75 -20.53
N LEU A 640 5.24 36.05 -19.93
CA LEU A 640 5.11 34.63 -19.52
C LEU A 640 4.15 34.52 -18.34
N GLU A 641 4.34 35.33 -17.30
CA GLU A 641 3.44 35.35 -16.12
C GLU A 641 2.00 35.49 -16.62
N GLU A 642 1.78 36.37 -17.60
CA GLU A 642 0.44 36.67 -18.16
C GLU A 642 -0.21 35.36 -18.62
N LYS A 643 0.53 34.52 -19.36
CA LYS A 643 -0.04 33.36 -20.11
C LYS A 643 -0.25 32.20 -19.13
N VAL A 644 0.65 32.03 -18.17
CA VAL A 644 0.47 31.03 -17.07
C VAL A 644 -0.85 31.36 -16.38
N CYS A 645 -1.00 32.60 -15.91
CA CYS A 645 -2.21 33.09 -15.19
C CYS A 645 -3.47 32.99 -16.07
N SER A 646 -3.34 33.16 -17.38
CA SER A 646 -4.47 33.09 -18.34
C SER A 646 -4.93 31.64 -18.52
N LEU A 647 -4.05 30.67 -18.27
CA LEU A 647 -4.32 29.21 -18.43
C LEU A 647 -4.77 28.61 -17.10
N LEU A 648 -4.51 29.30 -15.98
CA LEU A 648 -4.68 28.73 -14.62
C LEU A 648 -5.78 29.48 -13.83
N GLU A 649 -5.80 30.81 -13.83
CA GLU A 649 -6.81 31.60 -13.07
C GLU A 649 -8.22 31.20 -13.50
N PRO A 650 -8.50 30.87 -14.78
CA PRO A 650 -9.83 30.39 -15.17
C PRO A 650 -10.25 29.15 -14.39
N LEU A 651 -9.30 28.30 -14.00
CA LEU A 651 -9.53 27.07 -13.21
C LEU A 651 -9.86 27.43 -11.76
N GLY A 652 -9.52 28.66 -11.35
CA GLY A 652 -9.67 29.17 -9.98
C GLY A 652 -8.40 28.92 -9.18
N LEU A 653 -7.23 29.11 -9.78
CA LEU A 653 -5.91 28.87 -9.13
C LEU A 653 -5.20 30.22 -8.92
N GLN A 654 -4.79 30.50 -7.67
CA GLN A 654 -4.09 31.75 -7.24
C GLN A 654 -2.59 31.62 -7.55
N CYS A 655 -2.16 32.20 -8.68
CA CYS A 655 -0.77 32.12 -9.22
C CYS A 655 0.14 33.18 -8.60
N THR A 656 1.14 32.78 -7.82
CA THR A 656 2.11 33.65 -7.09
C THR A 656 3.54 33.33 -7.52
N PHE A 657 4.15 34.17 -8.35
CA PHE A 657 5.51 33.91 -8.92
C PHE A 657 6.57 34.28 -7.90
N ILE A 658 7.38 33.29 -7.52
CA ILE A 658 8.39 33.37 -6.41
C ILE A 658 9.78 33.43 -7.05
N ASN A 659 10.59 34.40 -6.64
CA ASN A 659 12.04 34.48 -6.99
C ASN A 659 12.74 33.28 -6.38
N ASP A 660 14.06 33.13 -6.59
CA ASP A 660 14.92 32.16 -5.86
C ASP A 660 14.10 30.91 -5.47
N PHE A 661 13.62 30.15 -6.45
CA PHE A 661 12.77 28.93 -6.25
C PHE A 661 13.66 27.67 -6.26
N PHE A 662 14.82 27.76 -6.92
CA PHE A 662 15.85 26.70 -7.03
C PHE A 662 17.20 27.31 -6.62
N THR A 663 18.23 26.47 -6.41
CA THR A 663 19.51 26.87 -5.75
C THR A 663 20.61 25.81 -5.96
N TYR A 664 21.79 26.21 -6.45
CA TYR A 664 23.00 25.34 -6.57
C TYR A 664 23.55 25.07 -5.16
N HIS A 665 24.32 23.99 -4.98
CA HIS A 665 24.97 23.64 -3.68
C HIS A 665 26.46 23.34 -3.92
N ILE A 666 27.20 22.97 -2.88
CA ILE A 666 28.69 22.77 -2.91
C ILE A 666 28.99 21.31 -3.27
N ARG A 667 28.85 20.37 -2.31
CA ARG A 667 28.97 18.92 -2.54
C ARG A 667 27.73 18.43 -3.29
N HIS A 668 27.86 17.33 -4.04
CA HIS A 668 26.79 16.77 -4.93
C HIS A 668 26.27 17.86 -5.88
N GLY A 669 27.05 18.94 -6.08
CA GLY A 669 26.64 20.21 -6.71
C GLY A 669 25.56 20.04 -7.77
N GLU A 670 24.35 20.55 -7.52
CA GLU A 670 23.10 20.24 -8.27
C GLU A 670 22.05 21.33 -7.98
N VAL A 671 21.15 21.62 -8.92
CA VAL A 671 20.02 22.59 -8.71
C VAL A 671 18.93 21.85 -7.91
N HIS A 672 18.37 22.50 -6.90
CA HIS A 672 17.45 21.87 -5.89
C HIS A 672 16.37 22.87 -5.45
N CYS A 673 15.11 22.46 -5.63
CA CYS A 673 13.91 22.96 -4.90
C CYS A 673 14.13 22.74 -3.39
N GLY A 674 13.65 23.66 -2.55
CA GLY A 674 13.88 23.65 -1.09
C GLY A 674 12.66 23.23 -0.28
N THR A 675 11.48 23.21 -0.90
CA THR A 675 10.17 22.92 -0.24
C THR A 675 9.75 21.45 -0.40
N ASN A 676 8.80 21.02 0.42
CA ASN A 676 8.19 19.67 0.39
C ASN A 676 6.82 19.76 1.05
N VAL A 677 5.90 18.84 0.78
CA VAL A 677 4.49 18.97 1.19
C VAL A 677 3.96 17.61 1.62
N ARG A 678 3.73 17.43 2.92
CA ARG A 678 2.88 16.33 3.45
C ARG A 678 1.43 16.68 3.11
N ARG A 679 0.68 15.72 2.58
CA ARG A 679 -0.69 15.95 2.04
C ARG A 679 -1.64 14.92 2.63
N LYS A 680 -2.94 15.21 2.55
CA LYS A 680 -4.02 14.37 3.16
C LYS A 680 -4.02 13.02 2.43
N PRO A 681 -3.95 11.90 3.17
CA PRO A 681 -4.05 10.59 2.54
C PRO A 681 -5.44 10.38 1.92
N PHE A 682 -5.53 9.58 0.85
CA PHE A 682 -6.81 9.30 0.14
C PHE A 682 -7.86 8.82 1.14
N SER A 683 -9.11 9.25 0.96
CA SER A 683 -10.26 8.75 1.74
C SER A 683 -10.42 7.27 1.43
N PHE A 684 -10.41 6.96 0.13
CA PHE A 684 -10.45 5.58 -0.42
C PHE A 684 -9.34 4.74 0.22
N LYS A 685 -9.74 3.54 0.67
CA LYS A 685 -8.89 2.56 1.39
C LYS A 685 -8.20 1.66 0.35
N TRP A 686 -6.87 1.65 0.36
CA TRP A 686 -6.07 0.95 -0.68
C TRP A 686 -6.58 -0.49 -0.76
N TRP A 687 -6.97 -1.06 0.36
CA TRP A 687 -7.34 -2.49 0.45
C TRP A 687 -8.72 -2.76 -0.16
N ASN A 688 -9.46 -1.74 -0.62
CA ASN A 688 -10.77 -1.93 -1.31
C ASN A 688 -10.63 -1.76 -2.82
N MET A 689 -9.41 -1.65 -3.35
CA MET A 689 -9.28 -1.66 -4.82
C MET A 689 -8.96 -3.09 -5.24
N VAL A 690 -8.63 -3.32 -6.52
CA VAL A 690 -8.47 -4.67 -7.15
C VAL A 690 -7.40 -4.58 -8.24
N PRO A 691 -6.10 -4.76 -7.92
CA PRO A 691 -5.07 -4.96 -8.96
C PRO A 691 -5.23 -6.28 -9.73
#